data_1F7U
#
_entry.id   1F7U
#
_cell.length_a   129.646
_cell.length_b   107.472
_cell.length_c   71.379
_cell.angle_alpha   90.00
_cell.angle_beta   90.00
_cell.angle_gamma   90.00
#
_symmetry.space_group_name_H-M   'P 21 21 2'
#
loop_
_entity.id
_entity.type
_entity.pdbx_description
1 polymer TRNA(ARG)
2 polymer 'ARGINYL-TRNA SYNTHETASE'
3 non-polymer 'SULFATE ION'
4 non-polymer ARGININE
5 water water
#
loop_
_entity_poly.entity_id
_entity_poly.type
_entity_poly.pdbx_seq_one_letter_code
_entity_poly.pdbx_strand_id
1 'polyribonucleotide'
;(PSU)UCCUCGU(1MG)(2MG)CCCAA(H2U)GG(H2U)CACGGC(M2G)(PSU)CUGGCUICGAACCAGAAGA(H2U)U
(5MC)CAGG(5MU)(PSU)CA(1MA)GUCCUGGCGGGGAAGCCA
;
B
2 'polypeptide(L)'
;MASTANMISQLKKLSIAEPAVAKDSHPDVNIVDLMRNYISQELSKISGVDSSLIFPALEWTNTMERGDLLIPIPRLRIKG
ANPKDLAVQWAEKFPCGDFLEKVEANGPFIQFFFNPQFLAKLVIPDILTRKEDYGSCKLVENKKVIIEFSSPNIAKPFHA
GHLRSTIIGGFLANLYEKLGWEVIRMNYLGDWGKQFGLLAVGFERYGNEEALVKDPIHHLFDVYVRINKDIEEEGDSIPL
EQSTNGKAREYFKRMEDGDEEALKIWKRFREFSIEKYIDTYARLNIKYDVYSGESQVSKESMLKAIDLFKEKGLTHEDKG
AVLIDLTKFNKKLGKAIVQKSDGTTLYLTRDVGAAMDRYEKYHFDKMIYVIASQQDLHAAQFFEILKQMGFEWAKDLQHV
NFGMVQGMSTRKGTVVFLDNILEETKEKMHEVMKKNENKYAQIEHPEEVADLVGISAVMIQDMQGKRINNYEFKWERMLS
FEGDTGPYLQYAHSRLRSVERNASGITQEKWINADFSLLKEPAAKLLIRLLGQYPDVLRNAIKTHEPTTVVTYLFKLTHQ
VSSCYDVLWVAGQTEELATARLALYGAARQVLYNGMRLLGLTPVERM
;
A
#
# COMPACT_ATOMS: atom_id res chain seq x y z
N ALA B 2 0.61 3.33 41.65
CA ALA B 2 1.99 2.82 41.84
C ALA B 2 2.99 3.87 41.36
N SER B 3 4.27 3.63 41.63
CA SER B 3 5.30 4.53 41.17
C SER B 3 5.33 4.29 39.66
N THR B 4 5.26 3.02 39.30
CA THR B 4 5.25 2.61 37.90
C THR B 4 4.00 3.16 37.23
N ALA B 5 2.87 3.08 37.94
CA ALA B 5 1.61 3.59 37.42
C ALA B 5 1.71 5.10 37.22
N ASN B 6 2.37 5.77 38.16
CA ASN B 6 2.53 7.22 38.08
C ASN B 6 3.43 7.60 36.90
N MET B 7 4.52 6.86 36.70
CA MET B 7 5.43 7.14 35.60
C MET B 7 4.73 6.99 34.24
N ILE B 8 4.00 5.90 34.08
CA ILE B 8 3.30 5.67 32.82
C ILE B 8 2.42 6.87 32.48
N SER B 9 1.65 7.34 33.45
CA SER B 9 0.77 8.49 33.23
C SER B 9 1.62 9.68 32.79
N GLN B 10 2.72 9.90 33.49
CA GLN B 10 3.63 11.00 33.18
C GLN B 10 4.19 10.86 31.76
N LEU B 11 4.81 9.72 31.47
CA LEU B 11 5.39 9.49 30.16
C LEU B 11 4.39 9.64 29.00
N LYS B 12 3.19 9.07 29.16
CA LYS B 12 2.17 9.15 28.13
C LYS B 12 1.74 10.59 27.86
N LYS B 13 2.07 11.48 28.77
CA LYS B 13 1.70 12.89 28.66
C LYS B 13 2.91 13.75 28.29
N LEU B 14 4.08 13.12 28.24
CA LEU B 14 5.33 13.81 27.94
C LEU B 14 5.60 14.07 26.45
N SER B 15 6.18 15.24 26.18
CA SER B 15 6.53 15.66 24.82
C SER B 15 7.96 16.21 24.88
N ILE B 16 8.93 15.32 24.72
CA ILE B 16 10.34 15.72 24.79
C ILE B 16 10.98 16.06 23.44
N ALA B 17 10.73 15.24 22.43
CA ALA B 17 11.30 15.49 21.11
C ALA B 17 10.79 16.83 20.59
N GLU B 18 11.57 17.48 19.73
CA GLU B 18 11.15 18.77 19.19
C GLU B 18 9.83 18.58 18.46
N PRO B 19 8.91 19.56 18.58
CA PRO B 19 7.59 19.52 17.94
C PRO B 19 7.57 18.86 16.57
N ALA B 20 8.62 19.08 15.78
CA ALA B 20 8.73 18.52 14.45
C ALA B 20 8.54 16.99 14.44
N VAL B 21 9.26 16.29 15.31
CA VAL B 21 9.17 14.85 15.39
C VAL B 21 8.19 14.39 16.47
N ALA B 22 8.13 15.14 17.57
CA ALA B 22 7.23 14.81 18.67
C ALA B 22 5.79 14.76 18.17
N LYS B 23 5.51 15.50 17.10
CA LYS B 23 4.19 15.55 16.51
C LYS B 23 3.75 14.16 16.05
N ASP B 24 4.73 13.28 15.86
CA ASP B 24 4.46 11.91 15.43
C ASP B 24 4.61 10.90 16.56
N SER B 25 4.89 11.39 17.76
CA SER B 25 5.05 10.53 18.94
C SER B 25 3.73 10.36 19.70
N HIS B 26 3.29 9.11 19.84
CA HIS B 26 2.04 8.81 20.53
C HIS B 26 2.23 7.69 21.55
N PRO B 27 2.79 8.01 22.72
CA PRO B 27 3.03 7.03 23.78
C PRO B 27 1.74 6.39 24.28
N ASP B 28 0.61 7.02 24.01
CA ASP B 28 -0.66 6.48 24.46
C ASP B 28 -1.16 5.29 23.65
N VAL B 29 -0.72 5.17 22.40
CA VAL B 29 -1.15 4.05 21.56
C VAL B 29 0.00 3.27 20.93
N ASN B 30 1.23 3.66 21.24
CA ASN B 30 2.42 3.00 20.70
C ASN B 30 3.38 2.78 21.86
N ILE B 31 3.48 1.54 22.33
CA ILE B 31 4.35 1.22 23.47
C ILE B 31 5.81 1.59 23.25
N VAL B 32 6.28 1.50 22.01
CA VAL B 32 7.66 1.83 21.73
C VAL B 32 7.92 3.33 21.92
N ASP B 33 6.92 4.16 21.61
CA ASP B 33 7.05 5.60 21.81
C ASP B 33 7.10 5.87 23.33
N LEU B 34 6.37 5.06 24.10
CA LEU B 34 6.37 5.20 25.55
C LEU B 34 7.77 4.89 26.06
N MET B 35 8.38 3.84 25.51
CA MET B 35 9.73 3.45 25.90
C MET B 35 10.75 4.48 25.43
N ARG B 36 10.49 5.11 24.28
CA ARG B 36 11.40 6.14 23.77
C ARG B 36 11.40 7.31 24.76
N ASN B 37 10.23 7.65 25.29
CA ASN B 37 10.14 8.72 26.27
C ASN B 37 10.89 8.35 27.56
N TYR B 38 10.61 7.16 28.09
CA TYR B 38 11.27 6.71 29.30
C TYR B 38 12.79 6.72 29.15
N ILE B 39 13.27 6.10 28.08
CA ILE B 39 14.71 6.02 27.85
C ILE B 39 15.38 7.38 27.64
N SER B 40 14.72 8.26 26.90
CA SER B 40 15.30 9.58 26.64
C SER B 40 15.38 10.39 27.93
N GLN B 41 14.34 10.28 28.75
CA GLN B 41 14.28 10.99 30.01
C GLN B 41 15.36 10.51 30.97
N GLU B 42 15.47 9.20 31.15
CA GLU B 42 16.46 8.64 32.07
C GLU B 42 17.91 8.80 31.58
N LEU B 43 18.13 8.69 30.28
CA LEU B 43 19.50 8.84 29.78
C LEU B 43 19.92 10.30 29.88
N SER B 44 18.98 11.23 29.76
CA SER B 44 19.32 12.64 29.85
C SER B 44 19.88 12.95 31.24
N LYS B 45 19.23 12.41 32.28
CA LYS B 45 19.68 12.62 33.65
C LYS B 45 21.07 12.07 33.86
N ILE B 46 21.36 10.97 33.17
CA ILE B 46 22.66 10.32 33.28
C ILE B 46 23.77 10.98 32.46
N SER B 47 23.44 11.38 31.23
CA SER B 47 24.41 11.98 30.33
C SER B 47 24.54 13.50 30.36
N GLY B 48 23.49 14.19 30.78
CA GLY B 48 23.53 15.64 30.79
C GLY B 48 23.18 16.18 29.42
N VAL B 49 22.80 15.28 28.51
CA VAL B 49 22.42 15.67 27.17
C VAL B 49 20.91 15.88 27.07
N ASP B 50 20.52 16.93 26.36
CA ASP B 50 19.11 17.26 26.17
C ASP B 50 18.35 16.04 25.64
N SER B 51 17.27 15.68 26.31
CA SER B 51 16.47 14.54 25.91
C SER B 51 15.89 14.63 24.50
N SER B 52 15.69 15.85 24.00
CA SER B 52 15.13 16.01 22.65
C SER B 52 16.18 15.63 21.61
N LEU B 53 17.45 15.58 22.03
CA LEU B 53 18.53 15.19 21.12
C LEU B 53 18.68 13.67 21.20
N ILE B 54 18.37 13.11 22.35
CA ILE B 54 18.49 11.66 22.55
C ILE B 54 17.35 10.92 21.84
N PHE B 55 16.14 11.43 21.99
CA PHE B 55 14.95 10.81 21.42
C PHE B 55 15.07 10.35 19.95
N PRO B 56 15.50 11.24 19.04
CA PRO B 56 15.62 10.81 17.65
C PRO B 56 16.81 9.90 17.35
N ALA B 57 17.76 9.83 18.29
CA ALA B 57 18.93 9.00 18.11
C ALA B 57 18.65 7.54 18.49
N LEU B 58 17.51 7.29 19.14
CA LEU B 58 17.15 5.93 19.52
C LEU B 58 16.63 5.23 18.26
N GLU B 59 17.24 4.11 17.90
CA GLU B 59 16.81 3.40 16.69
C GLU B 59 16.29 2.02 17.02
N TRP B 60 15.41 1.50 16.18
CA TRP B 60 14.94 0.14 16.39
C TRP B 60 16.11 -0.71 15.94
N THR B 61 16.20 -1.93 16.45
CA THR B 61 17.29 -2.82 16.09
C THR B 61 16.96 -3.65 14.86
N ASN B 62 17.99 -4.21 14.24
CA ASN B 62 17.80 -5.03 13.05
C ASN B 62 17.38 -6.43 13.47
N THR B 63 17.87 -6.88 14.63
CA THR B 63 17.54 -8.20 15.16
C THR B 63 17.23 -8.06 16.65
N MET B 64 16.35 -8.91 17.17
CA MET B 64 16.00 -8.80 18.58
C MET B 64 17.13 -9.12 19.54
N GLU B 65 18.16 -9.82 19.06
CA GLU B 65 19.30 -10.15 19.93
C GLU B 65 20.05 -8.86 20.33
N ARG B 66 19.83 -7.78 19.59
CA ARG B 66 20.50 -6.52 19.88
C ARG B 66 19.63 -5.58 20.70
N GLY B 67 18.51 -6.09 21.22
CA GLY B 67 17.61 -5.28 22.01
C GLY B 67 16.40 -4.84 21.20
N ASP B 68 15.61 -3.93 21.78
CA ASP B 68 14.41 -3.42 21.12
C ASP B 68 14.69 -2.03 20.56
N LEU B 69 15.54 -1.29 21.26
CA LEU B 69 15.97 0.04 20.83
C LEU B 69 17.44 0.14 21.19
N LEU B 70 18.20 0.92 20.44
CA LEU B 70 19.61 1.11 20.74
C LEU B 70 19.96 2.51 20.32
N ILE B 71 21.05 3.02 20.86
CA ILE B 71 21.50 4.34 20.48
C ILE B 71 22.98 4.29 20.15
N PRO B 72 23.37 4.87 19.00
CA PRO B 72 24.77 4.91 18.57
C PRO B 72 25.30 6.16 19.27
N ILE B 73 26.20 5.99 20.24
CA ILE B 73 26.71 7.16 20.97
C ILE B 73 27.29 8.24 20.07
N PRO B 74 28.07 7.85 19.05
CA PRO B 74 28.66 8.85 18.15
C PRO B 74 27.61 9.79 17.56
N ARG B 75 26.36 9.36 17.56
CA ARG B 75 25.32 10.20 16.99
C ARG B 75 25.02 11.43 17.84
N LEU B 76 25.36 11.38 19.13
CA LEU B 76 25.11 12.52 20.00
C LEU B 76 26.13 13.63 19.81
N ARG B 77 27.19 13.32 19.06
CA ARG B 77 28.24 14.30 18.76
C ARG B 77 28.87 14.90 20.03
N ILE B 78 29.23 14.05 20.99
CA ILE B 78 29.85 14.50 22.23
C ILE B 78 31.37 14.59 22.03
N LYS B 79 31.84 15.78 21.69
CA LYS B 79 33.25 16.02 21.44
C LYS B 79 34.21 15.63 22.56
N GLY B 80 35.34 15.06 22.17
CA GLY B 80 36.36 14.67 23.13
C GLY B 80 35.97 13.58 24.11
N ALA B 81 35.27 12.55 23.62
CA ALA B 81 34.86 11.45 24.48
C ALA B 81 34.80 10.15 23.69
N ASN B 82 35.35 9.09 24.26
CA ASN B 82 35.34 7.79 23.60
C ASN B 82 33.95 7.18 23.73
N PRO B 83 33.28 6.94 22.59
CA PRO B 83 31.93 6.36 22.53
C PRO B 83 31.78 5.04 23.26
N LYS B 84 32.80 4.20 23.18
CA LYS B 84 32.76 2.89 23.84
C LYS B 84 32.75 3.00 25.35
N ASP B 85 33.47 3.98 25.90
CA ASP B 85 33.52 4.16 27.33
C ASP B 85 32.22 4.72 27.85
N LEU B 86 31.68 5.72 27.15
CA LEU B 86 30.42 6.33 27.55
C LEU B 86 29.34 5.25 27.60
N ALA B 87 29.34 4.38 26.59
CA ALA B 87 28.36 3.31 26.52
C ALA B 87 28.41 2.43 27.77
N VAL B 88 29.63 2.09 28.19
CA VAL B 88 29.80 1.26 29.37
C VAL B 88 29.38 2.01 30.64
N GLN B 89 29.77 3.27 30.73
CA GLN B 89 29.43 4.09 31.89
C GLN B 89 27.94 4.32 32.04
N TRP B 90 27.30 4.77 30.97
CA TRP B 90 25.87 5.06 31.00
C TRP B 90 24.99 3.82 31.18
N ALA B 91 25.40 2.71 30.58
CA ALA B 91 24.63 1.47 30.68
C ALA B 91 24.69 0.90 32.11
N GLU B 92 25.87 0.99 32.70
CA GLU B 92 26.10 0.47 34.05
C GLU B 92 25.16 1.06 35.10
N LYS B 93 24.82 2.33 34.97
CA LYS B 93 23.97 2.99 35.95
C LYS B 93 22.53 3.24 35.50
N PHE B 94 22.15 2.71 34.35
CA PHE B 94 20.80 2.95 33.84
C PHE B 94 19.71 2.27 34.66
N PRO B 95 18.75 3.05 35.19
CA PRO B 95 17.65 2.53 36.00
C PRO B 95 16.63 1.79 35.11
N CYS B 96 16.39 0.53 35.42
CA CYS B 96 15.46 -0.28 34.64
C CYS B 96 14.02 -0.17 35.12
N GLY B 97 13.84 -0.16 36.43
CA GLY B 97 12.49 -0.09 36.98
C GLY B 97 11.73 -1.29 36.46
N ASP B 98 10.45 -1.13 36.16
CA ASP B 98 9.67 -2.22 35.61
C ASP B 98 9.62 -2.12 34.08
N PHE B 99 10.24 -1.07 33.53
CA PHE B 99 10.24 -0.83 32.09
C PHE B 99 11.22 -1.68 31.29
N LEU B 100 12.46 -1.77 31.77
CA LEU B 100 13.50 -2.52 31.06
C LEU B 100 13.99 -3.79 31.77
N GLU B 101 14.32 -4.80 30.98
CA GLU B 101 14.83 -6.06 31.51
C GLU B 101 16.33 -5.89 31.70
N LYS B 102 16.96 -5.13 30.80
CA LYS B 102 18.39 -4.88 30.87
C LYS B 102 18.85 -3.81 29.89
N VAL B 103 20.01 -3.22 30.20
CA VAL B 103 20.60 -2.19 29.36
C VAL B 103 22.03 -2.65 29.18
N GLU B 104 22.49 -2.71 27.94
CA GLU B 104 23.85 -3.19 27.71
C GLU B 104 24.66 -2.39 26.72
N ALA B 105 25.93 -2.19 27.07
CA ALA B 105 26.86 -1.49 26.21
C ALA B 105 27.40 -2.54 25.25
N ASN B 106 27.58 -2.16 24.00
CA ASN B 106 28.11 -3.07 23.00
C ASN B 106 28.79 -2.19 21.98
N GLY B 107 30.11 -2.05 22.13
CA GLY B 107 30.84 -1.18 21.23
C GLY B 107 30.39 0.25 21.48
N PRO B 108 30.25 1.08 20.44
CA PRO B 108 29.81 2.47 20.57
C PRO B 108 28.31 2.61 20.80
N PHE B 109 27.64 1.51 21.13
CA PHE B 109 26.19 1.53 21.32
C PHE B 109 25.72 1.10 22.71
N ILE B 110 24.49 1.46 23.02
CA ILE B 110 23.84 1.07 24.26
C ILE B 110 22.54 0.40 23.79
N GLN B 111 22.34 -0.86 24.16
CA GLN B 111 21.14 -1.58 23.77
C GLN B 111 20.14 -1.59 24.93
N PHE B 112 18.89 -1.31 24.63
CA PHE B 112 17.84 -1.30 25.63
C PHE B 112 16.89 -2.47 25.36
N PHE B 113 16.71 -3.33 26.36
CA PHE B 113 15.81 -4.48 26.24
C PHE B 113 14.57 -4.23 27.08
N PHE B 114 13.42 -4.10 26.45
CA PHE B 114 12.18 -3.87 27.19
C PHE B 114 11.85 -5.07 28.06
N ASN B 115 11.13 -4.83 29.15
CA ASN B 115 10.70 -5.91 30.04
C ASN B 115 9.44 -6.47 29.39
N PRO B 116 9.52 -7.71 28.88
CA PRO B 116 8.36 -8.35 28.22
C PRO B 116 7.11 -8.45 29.08
N GLN B 117 7.30 -8.72 30.37
CA GLN B 117 6.17 -8.84 31.28
C GLN B 117 5.46 -7.50 31.39
N PHE B 118 6.24 -6.43 31.36
CA PHE B 118 5.69 -5.08 31.42
C PHE B 118 4.93 -4.84 30.11
N LEU B 119 5.53 -5.25 29.00
CA LEU B 119 4.92 -5.09 27.69
C LEU B 119 3.60 -5.83 27.59
N ALA B 120 3.61 -7.08 28.06
CA ALA B 120 2.42 -7.92 28.01
C ALA B 120 1.23 -7.28 28.72
N LYS B 121 1.48 -6.78 29.91
CA LYS B 121 0.43 -6.15 30.71
C LYS B 121 -0.24 -4.96 30.04
N LEU B 122 0.49 -4.24 29.21
CA LEU B 122 -0.09 -3.08 28.52
C LEU B 122 -0.51 -3.40 27.09
N VAL B 123 0.40 -4.01 26.34
CA VAL B 123 0.14 -4.32 24.95
C VAL B 123 -0.97 -5.33 24.68
N ILE B 124 -0.97 -6.46 25.37
CA ILE B 124 -1.99 -7.46 25.11
C ILE B 124 -3.40 -6.95 25.37
N PRO B 125 -3.66 -6.36 26.53
CA PRO B 125 -5.02 -5.86 26.75
C PRO B 125 -5.39 -4.80 25.72
N ASP B 126 -4.42 -4.00 25.30
CA ASP B 126 -4.67 -2.94 24.31
C ASP B 126 -5.05 -3.51 22.95
N ILE B 127 -4.36 -4.57 22.53
CA ILE B 127 -4.65 -5.21 21.25
C ILE B 127 -6.03 -5.87 21.26
N LEU B 128 -6.35 -6.53 22.36
CA LEU B 128 -7.63 -7.22 22.52
C LEU B 128 -8.80 -6.26 22.65
N THR B 129 -8.53 -5.05 23.14
CA THR B 129 -9.57 -4.04 23.33
C THR B 129 -9.82 -3.20 22.08
N ARG B 130 -8.75 -2.68 21.50
CA ARG B 130 -8.88 -1.85 20.29
C ARG B 130 -9.04 -2.67 19.02
N LYS B 131 -8.61 -3.93 19.06
CA LYS B 131 -8.68 -4.82 17.92
C LYS B 131 -8.19 -4.22 16.61
N GLU B 132 -9.08 -4.01 15.65
CA GLU B 132 -8.67 -3.43 14.37
C GLU B 132 -8.08 -2.03 14.44
N ASP B 133 -8.24 -1.35 15.57
CA ASP B 133 -7.68 -0.01 15.71
C ASP B 133 -6.36 -0.01 16.48
N TYR B 134 -5.87 -1.19 16.84
CA TYR B 134 -4.63 -1.28 17.62
C TYR B 134 -3.50 -0.34 17.20
N GLY B 135 -3.05 -0.42 15.96
CA GLY B 135 -1.95 0.46 15.56
C GLY B 135 -2.33 1.77 14.87
N SER B 136 -3.60 2.17 14.99
CA SER B 136 -4.07 3.39 14.33
C SER B 136 -3.81 4.70 15.07
N CYS B 137 -4.20 5.78 14.43
CA CYS B 137 -4.06 7.14 14.96
C CYS B 137 -5.12 8.05 14.39
N LYS B 138 -5.41 9.14 15.08
CA LYS B 138 -6.39 10.13 14.65
C LYS B 138 -5.70 11.47 14.54
N LEU B 139 -6.13 12.28 13.57
CA LEU B 139 -5.53 13.59 13.38
C LEU B 139 -6.29 14.70 14.10
N VAL B 140 -5.55 15.67 14.63
CA VAL B 140 -6.16 16.79 15.35
C VAL B 140 -7.05 17.54 14.38
N GLU B 141 -6.55 17.72 13.16
CA GLU B 141 -7.29 18.41 12.10
C GLU B 141 -7.41 17.50 10.89
N ASN B 142 -8.60 17.49 10.30
CA ASN B 142 -8.86 16.68 9.13
C ASN B 142 -7.89 16.92 7.99
N LYS B 143 -7.32 15.84 7.48
CA LYS B 143 -6.40 15.91 6.36
C LYS B 143 -6.99 15.01 5.29
N LYS B 144 -7.05 15.50 4.06
CA LYS B 144 -7.64 14.75 2.95
C LYS B 144 -6.62 14.42 1.87
N VAL B 145 -6.55 13.15 1.50
CA VAL B 145 -5.63 12.74 0.45
C VAL B 145 -6.34 11.98 -0.65
N ILE B 146 -6.00 12.33 -1.89
CA ILE B 146 -6.57 11.66 -3.04
C ILE B 146 -5.52 10.68 -3.51
N ILE B 147 -5.88 9.41 -3.59
CA ILE B 147 -4.95 8.41 -4.07
C ILE B 147 -5.52 7.84 -5.36
N GLU B 148 -4.81 8.08 -6.46
CA GLU B 148 -5.23 7.59 -7.77
C GLU B 148 -4.44 6.33 -8.12
N PHE B 149 -5.14 5.22 -8.31
CA PHE B 149 -4.47 3.95 -8.63
C PHE B 149 -5.22 3.05 -9.60
N SER B 150 -4.47 2.13 -10.22
CA SER B 150 -4.96 1.18 -11.22
C SER B 150 -5.08 1.94 -12.53
N SER B 151 -6.14 2.75 -12.65
CA SER B 151 -6.35 3.59 -13.83
C SER B 151 -6.00 2.95 -15.16
N PRO B 152 -6.67 1.85 -15.51
CA PRO B 152 -6.38 1.19 -16.77
C PRO B 152 -7.01 1.91 -17.95
N ASN B 153 -6.61 1.52 -19.14
CA ASN B 153 -7.19 2.07 -20.36
C ASN B 153 -8.37 1.12 -20.59
N ILE B 154 -9.58 1.66 -20.66
CA ILE B 154 -10.79 0.86 -20.83
C ILE B 154 -10.79 -0.12 -22.01
N ALA B 155 -9.84 0.04 -22.94
CA ALA B 155 -9.79 -0.81 -24.12
C ALA B 155 -9.06 -2.15 -23.99
N LYS B 156 -8.45 -2.42 -22.84
CA LYS B 156 -7.71 -3.67 -22.68
C LYS B 156 -8.00 -4.45 -21.39
N PRO B 157 -7.93 -5.79 -21.47
CA PRO B 157 -8.17 -6.65 -20.31
C PRO B 157 -6.99 -6.54 -19.34
N PHE B 158 -7.23 -6.85 -18.08
CA PHE B 158 -6.19 -6.77 -17.07
C PHE B 158 -5.22 -7.95 -17.16
N HIS B 159 -3.93 -7.63 -17.26
CA HIS B 159 -2.92 -8.68 -17.31
C HIS B 159 -2.19 -8.67 -15.97
N ALA B 160 -1.24 -9.58 -15.80
CA ALA B 160 -0.49 -9.66 -14.55
C ALA B 160 0.02 -8.30 -14.11
N GLY B 161 0.41 -7.48 -15.08
CA GLY B 161 0.93 -6.15 -14.79
C GLY B 161 0.00 -5.18 -14.11
N HIS B 162 -1.30 -5.22 -14.46
CA HIS B 162 -2.27 -4.29 -13.87
C HIS B 162 -2.48 -4.50 -12.38
N LEU B 163 -2.08 -5.66 -11.89
CA LEU B 163 -2.22 -5.97 -10.48
C LEU B 163 -1.48 -4.95 -9.61
N ARG B 164 -0.26 -4.61 -10.00
CA ARG B 164 0.60 -3.70 -9.22
C ARG B 164 0.00 -2.40 -8.71
N SER B 165 -0.34 -1.49 -9.62
CA SER B 165 -0.91 -0.21 -9.22
C SER B 165 -2.16 -0.43 -8.37
N THR B 166 -2.95 -1.43 -8.74
CA THR B 166 -4.18 -1.75 -8.02
C THR B 166 -3.96 -2.07 -6.54
N ILE B 167 -3.12 -3.05 -6.24
CA ILE B 167 -2.95 -3.40 -4.83
C ILE B 167 -2.07 -2.44 -4.02
N ILE B 168 -1.14 -1.76 -4.68
CA ILE B 168 -0.29 -0.80 -3.98
C ILE B 168 -1.18 0.37 -3.54
N GLY B 169 -2.02 0.84 -4.46
CA GLY B 169 -2.93 1.93 -4.14
C GLY B 169 -3.93 1.52 -3.08
N GLY B 170 -4.45 0.31 -3.19
CA GLY B 170 -5.40 -0.17 -2.20
C GLY B 170 -4.77 -0.20 -0.82
N PHE B 171 -3.53 -0.69 -0.76
CA PHE B 171 -2.78 -0.76 0.49
C PHE B 171 -2.61 0.65 1.06
N LEU B 172 -2.08 1.56 0.25
CA LEU B 172 -1.88 2.95 0.69
C LEU B 172 -3.17 3.60 1.17
N ALA B 173 -4.29 3.29 0.51
CA ALA B 173 -5.56 3.87 0.90
C ALA B 173 -5.92 3.38 2.30
N ASN B 174 -5.75 2.08 2.52
CA ASN B 174 -6.04 1.51 3.84
C ASN B 174 -5.11 2.08 4.89
N LEU B 175 -3.84 2.26 4.53
CA LEU B 175 -2.84 2.77 5.47
C LEU B 175 -3.12 4.19 5.91
N TYR B 176 -3.44 5.06 4.95
CA TYR B 176 -3.74 6.46 5.28
C TYR B 176 -4.99 6.58 6.13
N GLU B 177 -6.02 5.78 5.84
CA GLU B 177 -7.24 5.85 6.64
C GLU B 177 -6.92 5.37 8.05
N LYS B 178 -6.14 4.30 8.15
CA LYS B 178 -5.77 3.76 9.45
C LYS B 178 -5.03 4.79 10.30
N LEU B 179 -4.29 5.69 9.64
CA LEU B 179 -3.55 6.69 10.37
C LEU B 179 -4.20 8.09 10.46
N GLY B 180 -5.52 8.13 10.30
CA GLY B 180 -6.24 9.39 10.45
C GLY B 180 -6.71 10.21 9.25
N TRP B 181 -6.19 9.94 8.07
CA TRP B 181 -6.58 10.71 6.89
C TRP B 181 -7.93 10.37 6.29
N GLU B 182 -8.51 11.34 5.58
CA GLU B 182 -9.76 11.13 4.88
C GLU B 182 -9.20 10.76 3.50
N VAL B 183 -9.63 9.62 2.97
CA VAL B 183 -9.09 9.17 1.70
C VAL B 183 -10.08 9.07 0.55
N ILE B 184 -9.67 9.57 -0.61
CA ILE B 184 -10.50 9.51 -1.79
C ILE B 184 -9.84 8.51 -2.74
N ARG B 185 -10.47 7.36 -2.93
CA ARG B 185 -9.93 6.34 -3.83
C ARG B 185 -10.45 6.67 -5.23
N MET B 186 -9.54 7.07 -6.11
CA MET B 186 -9.90 7.44 -7.48
C MET B 186 -9.24 6.61 -8.57
N ASN B 187 -10.05 6.24 -9.56
CA ASN B 187 -9.59 5.46 -10.70
C ASN B 187 -9.64 6.37 -11.93
N TYR B 188 -8.46 6.77 -12.42
CA TYR B 188 -8.35 7.66 -13.58
C TYR B 188 -8.30 6.87 -14.88
N LEU B 189 -9.48 6.44 -15.33
CA LEU B 189 -9.60 5.64 -16.55
C LEU B 189 -9.01 6.30 -17.77
N GLY B 190 -8.38 5.50 -18.63
CA GLY B 190 -7.82 6.01 -19.86
C GLY B 190 -8.95 5.81 -20.87
N ASP B 191 -9.90 6.75 -20.87
CA ASP B 191 -11.07 6.67 -21.74
C ASP B 191 -11.18 7.79 -22.77
N TRP B 192 -10.06 8.21 -23.34
CA TRP B 192 -10.06 9.30 -24.33
C TRP B 192 -8.92 9.08 -25.32
N GLY B 193 -8.75 10.02 -26.24
CA GLY B 193 -7.68 9.92 -27.22
C GLY B 193 -8.00 9.02 -28.39
N LYS B 194 -7.13 9.02 -29.39
CA LYS B 194 -7.31 8.18 -30.58
C LYS B 194 -7.59 6.76 -30.15
N GLN B 195 -6.95 6.34 -29.06
CA GLN B 195 -7.12 5.01 -28.52
C GLN B 195 -8.60 4.63 -28.54
N PHE B 196 -9.43 5.54 -28.05
CA PHE B 196 -10.88 5.30 -28.00
C PHE B 196 -11.54 5.58 -29.35
N GLY B 197 -11.00 6.54 -30.09
CA GLY B 197 -11.56 6.87 -31.39
C GLY B 197 -11.41 5.70 -32.34
N LEU B 198 -10.53 4.76 -31.98
CA LEU B 198 -10.28 3.59 -32.79
C LEU B 198 -11.38 2.55 -32.53
N LEU B 199 -11.87 2.51 -31.30
CA LEU B 199 -12.94 1.58 -30.93
C LEU B 199 -14.23 1.98 -31.61
N ALA B 200 -14.45 3.28 -31.73
CA ALA B 200 -15.65 3.80 -32.37
C ALA B 200 -15.81 3.18 -33.74
N VAL B 201 -14.89 3.52 -34.65
CA VAL B 201 -14.91 2.99 -36.00
C VAL B 201 -14.85 1.46 -36.00
N GLY B 202 -13.95 0.91 -35.18
CA GLY B 202 -13.83 -0.53 -35.10
C GLY B 202 -15.14 -1.21 -34.75
N PHE B 203 -15.90 -0.59 -33.86
CA PHE B 203 -17.19 -1.15 -33.44
C PHE B 203 -18.20 -1.01 -34.58
N GLU B 204 -18.13 0.09 -35.31
CA GLU B 204 -19.04 0.31 -36.42
C GLU B 204 -18.75 -0.77 -37.46
N ARG B 205 -17.48 -1.18 -37.51
CA ARG B 205 -17.03 -2.18 -38.46
C ARG B 205 -17.33 -3.61 -38.03
N TYR B 206 -16.78 -4.02 -36.90
CA TYR B 206 -16.99 -5.38 -36.40
C TYR B 206 -17.87 -5.47 -35.17
N GLY B 207 -18.49 -4.36 -34.80
CA GLY B 207 -19.36 -4.35 -33.64
C GLY B 207 -20.50 -5.32 -33.76
N ASN B 208 -20.71 -6.13 -32.73
CA ASN B 208 -21.78 -7.11 -32.72
C ASN B 208 -22.68 -6.83 -31.52
N GLU B 209 -23.89 -6.36 -31.79
CA GLU B 209 -24.84 -6.03 -30.73
C GLU B 209 -25.02 -7.15 -29.71
N GLU B 210 -25.56 -8.28 -30.15
CA GLU B 210 -25.80 -9.41 -29.26
C GLU B 210 -24.53 -9.90 -28.55
N ALA B 211 -23.37 -9.71 -29.20
CA ALA B 211 -22.10 -10.13 -28.62
C ALA B 211 -21.66 -9.23 -27.48
N LEU B 212 -21.81 -7.92 -27.68
CA LEU B 212 -21.43 -6.94 -26.67
C LEU B 212 -22.24 -7.15 -25.40
N VAL B 213 -23.29 -7.98 -25.50
CA VAL B 213 -24.16 -8.29 -24.38
C VAL B 213 -23.40 -9.09 -23.32
N LYS B 214 -22.87 -10.24 -23.73
CA LYS B 214 -22.13 -11.11 -22.82
C LYS B 214 -21.10 -10.34 -21.99
N ASP B 215 -20.03 -9.89 -22.63
CA ASP B 215 -18.99 -9.15 -21.92
C ASP B 215 -18.41 -8.00 -22.75
N PRO B 216 -18.53 -6.77 -22.25
CA PRO B 216 -18.02 -5.57 -22.92
C PRO B 216 -16.52 -5.62 -23.19
N ILE B 217 -15.73 -5.57 -22.12
CA ILE B 217 -14.27 -5.59 -22.22
C ILE B 217 -13.74 -6.68 -23.15
N HIS B 218 -14.45 -7.80 -23.21
CA HIS B 218 -14.03 -8.90 -24.07
C HIS B 218 -14.23 -8.53 -25.53
N HIS B 219 -15.50 -8.37 -25.92
CA HIS B 219 -15.85 -8.01 -27.27
C HIS B 219 -15.13 -6.73 -27.71
N LEU B 220 -15.15 -5.72 -26.85
CA LEU B 220 -14.50 -4.46 -27.15
C LEU B 220 -13.01 -4.67 -27.41
N PHE B 221 -12.44 -5.68 -26.76
CA PHE B 221 -11.03 -5.98 -26.94
C PHE B 221 -10.80 -6.57 -28.32
N ASP B 222 -11.62 -7.55 -28.69
CA ASP B 222 -11.50 -8.18 -30.01
C ASP B 222 -11.58 -7.11 -31.08
N VAL B 223 -12.58 -6.23 -30.95
CA VAL B 223 -12.77 -5.15 -31.91
C VAL B 223 -11.51 -4.29 -32.03
N TYR B 224 -10.92 -3.96 -30.89
CA TYR B 224 -9.70 -3.15 -30.89
C TYR B 224 -8.59 -3.92 -31.59
N VAL B 225 -8.45 -5.20 -31.26
CA VAL B 225 -7.44 -6.04 -31.88
C VAL B 225 -7.67 -6.09 -33.39
N ARG B 226 -8.90 -6.41 -33.78
CA ARG B 226 -9.28 -6.52 -35.18
C ARG B 226 -9.08 -5.22 -35.96
N ILE B 227 -9.50 -4.10 -35.38
CA ILE B 227 -9.38 -2.80 -36.04
C ILE B 227 -7.92 -2.35 -36.13
N ASN B 228 -7.09 -2.75 -35.17
CA ASN B 228 -5.68 -2.37 -35.17
C ASN B 228 -4.94 -3.07 -36.30
N LYS B 229 -5.41 -4.24 -36.69
CA LYS B 229 -4.81 -5.00 -37.77
C LYS B 229 -5.15 -4.37 -39.11
N ASP B 230 -6.35 -3.82 -39.21
CA ASP B 230 -6.80 -3.17 -40.44
C ASP B 230 -5.91 -1.98 -40.80
N ILE B 231 -5.41 -1.28 -39.79
CA ILE B 231 -4.55 -0.12 -40.01
C ILE B 231 -3.08 -0.51 -39.94
N GLU B 232 -2.83 -1.77 -39.59
CA GLU B 232 -1.47 -2.29 -39.48
C GLU B 232 -1.14 -3.19 -40.66
N GLU B 233 -2.18 -3.61 -41.38
CA GLU B 233 -2.01 -4.48 -42.55
C GLU B 233 -2.03 -3.66 -43.83
N GLU B 234 -2.94 -2.68 -43.88
CA GLU B 234 -3.08 -1.81 -45.04
C GLU B 234 -1.76 -1.09 -45.31
N GLY B 235 -1.00 -0.84 -44.25
CA GLY B 235 0.28 -0.16 -44.40
C GLY B 235 0.12 1.31 -44.75
N ASP B 236 1.14 1.88 -45.37
CA ASP B 236 1.12 3.28 -45.77
C ASP B 236 0.59 3.41 -47.19
N SER B 237 -0.36 2.55 -47.55
CA SER B 237 -0.94 2.57 -48.89
C SER B 237 -1.96 3.69 -49.03
N ILE B 238 -3.23 3.36 -48.88
CA ILE B 238 -4.32 4.32 -48.98
C ILE B 238 -4.14 5.41 -47.92
N PRO B 239 -4.39 6.68 -48.28
CA PRO B 239 -4.26 7.80 -47.34
C PRO B 239 -4.90 7.51 -45.99
N LEU B 240 -4.27 7.97 -44.91
CA LEU B 240 -4.77 7.76 -43.56
C LEU B 240 -6.28 7.85 -43.44
N GLU B 241 -6.82 9.07 -43.50
CA GLU B 241 -8.26 9.28 -43.39
C GLU B 241 -9.04 8.59 -44.51
N GLN B 242 -8.50 8.65 -45.72
CA GLN B 242 -9.15 8.03 -46.87
C GLN B 242 -9.13 6.52 -46.72
N SER B 243 -8.51 6.04 -45.65
CA SER B 243 -8.42 4.62 -45.37
C SER B 243 -9.22 4.23 -44.13
N THR B 244 -8.53 4.08 -43.00
CA THR B 244 -9.19 3.70 -41.75
C THR B 244 -8.65 4.49 -40.54
N ASN B 245 -7.37 4.30 -40.25
CA ASN B 245 -6.74 4.98 -39.12
C ASN B 245 -7.04 6.47 -39.10
N GLY B 246 -7.20 7.05 -40.29
CA GLY B 246 -7.49 8.47 -40.38
C GLY B 246 -8.90 8.81 -39.95
N LYS B 247 -9.86 8.02 -40.42
CA LYS B 247 -11.26 8.26 -40.06
C LYS B 247 -11.52 7.80 -38.63
N ALA B 248 -10.47 7.80 -37.81
CA ALA B 248 -10.56 7.41 -36.42
C ALA B 248 -10.10 8.59 -35.57
N ARG B 249 -9.13 9.34 -36.09
CA ARG B 249 -8.62 10.51 -35.41
C ARG B 249 -9.69 11.60 -35.45
N GLU B 250 -10.48 11.57 -36.51
CA GLU B 250 -11.55 12.53 -36.69
C GLU B 250 -12.68 12.28 -35.69
N TYR B 251 -13.01 11.01 -35.50
CA TYR B 251 -14.06 10.64 -34.55
C TYR B 251 -13.69 11.15 -33.16
N PHE B 252 -12.39 11.21 -32.89
CA PHE B 252 -11.93 11.70 -31.60
C PHE B 252 -12.20 13.19 -31.46
N LYS B 253 -11.70 13.98 -32.40
CA LYS B 253 -11.92 15.42 -32.37
C LYS B 253 -13.42 15.66 -32.46
N ARG B 254 -14.12 14.68 -33.03
CA ARG B 254 -15.57 14.76 -33.17
C ARG B 254 -16.18 14.62 -31.79
N MET B 255 -15.57 13.77 -30.97
CA MET B 255 -16.02 13.54 -29.60
C MET B 255 -15.71 14.79 -28.77
N GLU B 256 -14.65 15.48 -29.14
CA GLU B 256 -14.25 16.70 -28.44
C GLU B 256 -15.19 17.85 -28.78
N ASP B 257 -15.85 17.75 -29.92
CA ASP B 257 -16.78 18.78 -30.35
C ASP B 257 -18.14 18.61 -29.67
N GLY B 258 -18.40 17.41 -29.17
CA GLY B 258 -19.66 17.16 -28.50
C GLY B 258 -20.69 16.47 -29.38
N ASP B 259 -20.22 15.77 -30.41
CA ASP B 259 -21.11 15.06 -31.32
C ASP B 259 -21.95 14.03 -30.56
N GLU B 260 -23.17 14.43 -30.22
CA GLU B 260 -24.09 13.56 -29.46
C GLU B 260 -24.02 12.09 -29.83
N GLU B 261 -23.84 11.79 -31.12
CA GLU B 261 -23.77 10.40 -31.55
C GLU B 261 -22.47 9.73 -31.10
N ALA B 262 -21.34 10.32 -31.47
CA ALA B 262 -20.04 9.78 -31.10
C ALA B 262 -19.86 9.71 -29.58
N LEU B 263 -20.59 10.54 -28.86
CA LEU B 263 -20.51 10.57 -27.41
C LEU B 263 -21.41 9.51 -26.76
N LYS B 264 -22.55 9.25 -27.37
CA LYS B 264 -23.49 8.25 -26.83
C LYS B 264 -22.84 6.86 -26.81
N ILE B 265 -22.03 6.58 -27.81
CA ILE B 265 -21.33 5.29 -27.88
C ILE B 265 -20.23 5.26 -26.82
N TRP B 266 -19.62 6.42 -26.60
CA TRP B 266 -18.57 6.55 -25.60
C TRP B 266 -19.12 6.19 -24.23
N LYS B 267 -20.14 6.95 -23.82
CA LYS B 267 -20.77 6.74 -22.53
C LYS B 267 -21.21 5.28 -22.36
N ARG B 268 -21.41 4.59 -23.48
CA ARG B 268 -21.84 3.20 -23.44
C ARG B 268 -20.69 2.27 -23.09
N PHE B 269 -19.59 2.35 -23.83
CA PHE B 269 -18.45 1.49 -23.55
C PHE B 269 -17.91 1.76 -22.14
N ARG B 270 -17.83 3.04 -21.79
CA ARG B 270 -17.34 3.46 -20.49
C ARG B 270 -18.21 2.95 -19.34
N GLU B 271 -19.53 3.09 -19.48
CA GLU B 271 -20.47 2.66 -18.45
C GLU B 271 -20.46 1.14 -18.29
N PHE B 272 -20.26 0.43 -19.40
CA PHE B 272 -20.22 -1.03 -19.40
C PHE B 272 -18.93 -1.54 -18.75
N SER B 273 -17.86 -0.77 -18.89
CA SER B 273 -16.58 -1.16 -18.31
C SER B 273 -16.58 -0.95 -16.81
N ILE B 274 -17.10 0.18 -16.36
CA ILE B 274 -17.15 0.47 -14.93
C ILE B 274 -17.95 -0.56 -14.15
N GLU B 275 -19.11 -0.96 -14.68
CA GLU B 275 -19.93 -1.95 -14.00
C GLU B 275 -19.11 -3.23 -13.78
N LYS B 276 -18.36 -3.63 -14.79
CA LYS B 276 -17.53 -4.83 -14.69
C LYS B 276 -16.37 -4.57 -13.73
N TYR B 277 -15.77 -3.38 -13.82
CA TYR B 277 -14.65 -3.05 -12.95
C TYR B 277 -15.01 -3.19 -11.48
N ILE B 278 -16.19 -2.67 -11.11
CA ILE B 278 -16.66 -2.73 -9.74
C ILE B 278 -16.54 -4.12 -9.13
N ASP B 279 -16.89 -5.15 -9.89
CA ASP B 279 -16.81 -6.52 -9.39
C ASP B 279 -15.37 -7.03 -9.34
N THR B 280 -14.57 -6.64 -10.31
CA THR B 280 -13.18 -7.06 -10.36
C THR B 280 -12.41 -6.50 -9.16
N TYR B 281 -12.60 -5.21 -8.91
CA TYR B 281 -11.92 -4.56 -7.80
C TYR B 281 -12.42 -5.03 -6.44
N ALA B 282 -13.69 -5.42 -6.36
CA ALA B 282 -14.24 -5.90 -5.10
C ALA B 282 -13.56 -7.21 -4.73
N ARG B 283 -13.23 -8.01 -5.73
CA ARG B 283 -12.58 -9.28 -5.48
C ARG B 283 -11.24 -9.03 -4.76
N LEU B 284 -10.66 -7.85 -5.01
CA LEU B 284 -9.41 -7.47 -4.38
C LEU B 284 -9.66 -6.50 -3.23
N ASN B 285 -10.88 -6.54 -2.68
CA ASN B 285 -11.31 -5.69 -1.57
C ASN B 285 -11.19 -4.19 -1.80
N ILE B 286 -11.38 -3.77 -3.04
CA ILE B 286 -11.28 -2.34 -3.35
C ILE B 286 -12.59 -1.77 -3.88
N LYS B 287 -13.00 -0.64 -3.31
CA LYS B 287 -14.20 0.05 -3.74
C LYS B 287 -13.82 1.51 -3.97
N TYR B 288 -13.81 1.93 -5.23
CA TYR B 288 -13.46 3.31 -5.56
C TYR B 288 -14.55 4.29 -5.19
N ASP B 289 -14.16 5.51 -4.86
CA ASP B 289 -15.10 6.56 -4.51
C ASP B 289 -15.54 7.24 -5.80
N VAL B 290 -14.63 7.27 -6.78
CA VAL B 290 -14.91 7.88 -8.05
C VAL B 290 -14.15 7.22 -9.21
N TYR B 291 -14.85 7.01 -10.31
CA TYR B 291 -14.23 6.45 -11.50
C TYR B 291 -14.11 7.64 -12.43
N SER B 292 -13.01 8.38 -12.31
CA SER B 292 -12.77 9.55 -13.12
C SER B 292 -12.28 9.09 -14.49
N GLY B 293 -11.61 9.99 -15.21
CA GLY B 293 -11.10 9.62 -16.52
C GLY B 293 -10.54 10.82 -17.26
N GLU B 294 -9.75 10.56 -18.29
CA GLU B 294 -9.17 11.64 -19.08
C GLU B 294 -10.26 12.43 -19.80
N SER B 295 -11.45 11.84 -19.86
CA SER B 295 -12.59 12.46 -20.50
C SER B 295 -13.31 13.41 -19.56
N GLN B 296 -13.00 13.34 -18.28
CA GLN B 296 -13.64 14.17 -17.28
C GLN B 296 -12.98 15.51 -16.98
N VAL B 297 -11.97 15.89 -17.76
CA VAL B 297 -11.30 17.17 -17.51
C VAL B 297 -12.16 18.31 -18.06
N SER B 298 -12.52 19.25 -17.20
CA SER B 298 -13.36 20.38 -17.59
C SER B 298 -12.67 21.31 -18.58
N LYS B 299 -13.49 21.96 -19.41
CA LYS B 299 -13.00 22.90 -20.41
C LYS B 299 -12.41 24.11 -19.71
N GLU B 300 -13.02 24.50 -18.60
CA GLU B 300 -12.56 25.64 -17.81
C GLU B 300 -11.09 25.44 -17.44
N SER B 301 -10.79 24.32 -16.79
CA SER B 301 -9.42 24.02 -16.37
C SER B 301 -8.49 24.02 -17.57
N MET B 302 -8.93 23.39 -18.66
CA MET B 302 -8.13 23.31 -19.87
C MET B 302 -7.77 24.71 -20.37
N LEU B 303 -8.78 25.57 -20.48
CA LEU B 303 -8.58 26.94 -20.94
C LEU B 303 -7.70 27.71 -19.96
N LYS B 304 -7.99 27.55 -18.67
CA LYS B 304 -7.22 28.22 -17.64
C LYS B 304 -5.75 27.80 -17.72
N ALA B 305 -5.52 26.52 -17.98
CA ALA B 305 -4.16 26.00 -18.09
C ALA B 305 -3.45 26.64 -19.27
N ILE B 306 -4.19 26.85 -20.36
CA ILE B 306 -3.62 27.48 -21.55
C ILE B 306 -3.18 28.90 -21.23
N ASP B 307 -4.06 29.63 -20.54
CA ASP B 307 -3.78 31.01 -20.15
C ASP B 307 -2.53 31.08 -19.27
N LEU B 308 -2.46 30.18 -18.29
CA LEU B 308 -1.32 30.16 -17.39
C LEU B 308 -0.03 29.83 -18.13
N PHE B 309 -0.12 28.94 -19.11
CA PHE B 309 1.07 28.57 -19.88
C PHE B 309 1.69 29.80 -20.53
N LYS B 310 0.84 30.72 -20.97
CA LYS B 310 1.28 31.95 -21.62
C LYS B 310 1.69 32.98 -20.58
N GLU B 311 0.81 33.22 -19.62
CA GLU B 311 1.06 34.18 -18.55
C GLU B 311 2.42 33.94 -17.91
N LYS B 312 2.85 32.67 -17.89
CA LYS B 312 4.12 32.31 -17.30
C LYS B 312 5.21 32.15 -18.36
N GLY B 313 4.82 32.21 -19.63
CA GLY B 313 5.79 32.07 -20.71
C GLY B 313 6.45 30.71 -20.67
N LEU B 314 5.64 29.67 -20.53
CA LEU B 314 6.15 28.30 -20.46
C LEU B 314 6.17 27.65 -21.84
N THR B 315 5.12 27.88 -22.62
CA THR B 315 5.01 27.29 -23.95
C THR B 315 5.64 28.12 -25.06
N HIS B 316 5.99 27.44 -26.15
CA HIS B 316 6.58 28.07 -27.33
C HIS B 316 6.24 27.18 -28.52
N GLU B 317 5.92 27.79 -29.64
CA GLU B 317 5.54 27.05 -30.85
C GLU B 317 6.72 26.44 -31.61
N ASP B 318 6.48 25.29 -32.23
CA ASP B 318 7.50 24.59 -33.00
C ASP B 318 6.92 23.41 -33.79
N LYS B 319 7.30 23.31 -35.06
CA LYS B 319 6.84 22.24 -35.94
C LYS B 319 5.32 22.26 -36.14
N GLY B 320 4.69 23.36 -35.72
CA GLY B 320 3.25 23.47 -35.86
C GLY B 320 2.51 23.01 -34.62
N ALA B 321 3.27 22.69 -33.58
CA ALA B 321 2.69 22.25 -32.31
C ALA B 321 3.29 23.04 -31.16
N VAL B 322 2.57 23.11 -30.05
CA VAL B 322 3.08 23.86 -28.90
C VAL B 322 3.61 22.92 -27.82
N LEU B 323 4.78 23.25 -27.30
CA LEU B 323 5.42 22.43 -26.26
C LEU B 323 6.03 23.31 -25.17
N ILE B 324 6.42 22.69 -24.07
CA ILE B 324 7.03 23.40 -22.96
C ILE B 324 8.46 22.94 -22.73
N ASP B 325 9.39 23.89 -22.80
CA ASP B 325 10.80 23.61 -22.57
C ASP B 325 11.05 23.67 -21.07
N LEU B 326 11.10 22.50 -20.44
CA LEU B 326 11.32 22.40 -19.00
C LEU B 326 12.80 22.40 -18.66
N THR B 327 13.64 22.43 -19.69
CA THR B 327 15.09 22.42 -19.52
C THR B 327 15.56 23.56 -18.62
N LYS B 328 14.86 24.68 -18.67
CA LYS B 328 15.21 25.85 -17.87
C LYS B 328 15.14 25.53 -16.39
N PHE B 329 14.16 24.70 -16.01
CA PHE B 329 13.94 24.32 -14.62
C PHE B 329 14.73 23.08 -14.23
N ASN B 330 14.74 22.09 -15.12
CA ASN B 330 15.47 20.86 -14.87
C ASN B 330 15.95 20.29 -16.20
N LYS B 331 17.26 20.06 -16.30
CA LYS B 331 17.87 19.52 -17.50
C LYS B 331 17.19 18.22 -17.93
N LYS B 332 17.03 17.31 -16.97
CA LYS B 332 16.40 16.01 -17.22
C LYS B 332 15.01 16.04 -17.84
N LEU B 333 14.18 16.97 -17.40
CA LEU B 333 12.80 17.07 -17.89
C LEU B 333 12.66 17.27 -19.40
N GLY B 334 13.63 17.93 -20.01
CA GLY B 334 13.57 18.18 -21.45
C GLY B 334 12.36 18.95 -21.94
N LYS B 335 11.95 18.67 -23.18
CA LYS B 335 10.80 19.33 -23.78
C LYS B 335 9.59 18.41 -23.85
N ALA B 336 8.41 18.98 -23.62
CA ALA B 336 7.17 18.20 -23.65
C ALA B 336 6.09 18.89 -24.47
N ILE B 337 5.49 18.15 -25.39
CA ILE B 337 4.44 18.67 -26.25
C ILE B 337 3.12 18.76 -25.47
N VAL B 338 2.42 19.88 -25.60
CA VAL B 338 1.16 20.07 -24.91
C VAL B 338 -0.04 20.15 -25.85
N GLN B 339 0.21 20.22 -27.15
CA GLN B 339 -0.87 20.28 -28.13
C GLN B 339 -0.39 19.81 -29.50
N LYS B 340 -1.01 18.76 -30.01
CA LYS B 340 -0.65 18.20 -31.31
C LYS B 340 -0.97 19.20 -32.43
N SER B 341 -0.23 19.11 -33.53
CA SER B 341 -0.42 20.01 -34.66
C SER B 341 -1.89 20.23 -35.02
N ASP B 342 -2.68 19.16 -34.95
CA ASP B 342 -4.10 19.27 -35.28
C ASP B 342 -4.91 19.92 -34.16
N GLY B 343 -4.19 20.52 -33.21
CA GLY B 343 -4.84 21.20 -32.08
C GLY B 343 -5.41 20.35 -30.97
N THR B 344 -5.25 19.03 -31.04
CA THR B 344 -5.77 18.13 -30.01
C THR B 344 -4.90 18.07 -28.76
N THR B 345 -5.51 17.68 -27.65
CA THR B 345 -4.81 17.55 -26.38
C THR B 345 -4.11 16.21 -26.29
N LEU B 346 -3.10 16.13 -25.42
CA LEU B 346 -2.35 14.90 -25.21
C LEU B 346 -2.49 14.39 -23.78
N TYR B 347 -1.93 13.21 -23.55
CA TYR B 347 -1.94 12.57 -22.25
C TYR B 347 -1.49 13.56 -21.16
N LEU B 348 -0.34 14.19 -21.40
CA LEU B 348 0.23 15.16 -20.46
C LEU B 348 -0.66 16.39 -20.24
N THR B 349 -1.18 16.94 -21.33
CA THR B 349 -2.04 18.13 -21.23
C THR B 349 -3.25 17.83 -20.37
N ARG B 350 -3.83 16.64 -20.55
CA ARG B 350 -5.00 16.24 -19.79
C ARG B 350 -4.72 16.02 -18.31
N ASP B 351 -3.51 15.55 -17.98
CA ASP B 351 -3.15 15.33 -16.60
C ASP B 351 -3.09 16.66 -15.86
N VAL B 352 -2.55 17.69 -16.51
CA VAL B 352 -2.45 19.00 -15.89
C VAL B 352 -3.83 19.56 -15.56
N GLY B 353 -4.76 19.42 -16.50
CA GLY B 353 -6.11 19.90 -16.29
C GLY B 353 -6.87 19.09 -15.26
N ALA B 354 -6.57 17.80 -15.18
CA ALA B 354 -7.25 16.92 -14.21
C ALA B 354 -6.82 17.28 -12.80
N ALA B 355 -5.53 17.54 -12.62
CA ALA B 355 -5.00 17.91 -11.32
C ALA B 355 -5.70 19.18 -10.84
N MET B 356 -5.95 20.08 -11.78
CA MET B 356 -6.63 21.35 -11.48
C MET B 356 -8.07 21.12 -11.03
N ASP B 357 -8.78 20.22 -11.72
CA ASP B 357 -10.17 19.93 -11.37
C ASP B 357 -10.26 19.28 -9.99
N ARG B 358 -9.36 18.33 -9.74
CA ARG B 358 -9.35 17.63 -8.47
C ARG B 358 -9.17 18.57 -7.29
N TYR B 359 -8.27 19.53 -7.41
CA TYR B 359 -8.04 20.47 -6.32
C TYR B 359 -9.26 21.36 -6.10
N GLU B 360 -9.89 21.75 -7.20
CA GLU B 360 -11.07 22.61 -7.14
C GLU B 360 -12.24 21.88 -6.48
N LYS B 361 -12.37 20.60 -6.77
CA LYS B 361 -13.46 19.81 -6.21
C LYS B 361 -13.20 19.25 -4.81
N TYR B 362 -11.94 18.96 -4.50
CA TYR B 362 -11.62 18.37 -3.20
C TYR B 362 -10.78 19.22 -2.25
N HIS B 363 -9.95 20.11 -2.79
CA HIS B 363 -9.08 20.94 -1.95
C HIS B 363 -8.27 20.00 -1.07
N PHE B 364 -7.61 19.05 -1.73
CA PHE B 364 -6.81 18.05 -1.05
C PHE B 364 -5.57 18.62 -0.36
N ASP B 365 -5.13 17.95 0.69
CA ASP B 365 -3.93 18.34 1.42
C ASP B 365 -2.77 17.54 0.82
N LYS B 366 -3.11 16.49 0.08
CA LYS B 366 -2.12 15.65 -0.56
C LYS B 366 -2.76 14.80 -1.66
N MET B 367 -2.01 14.56 -2.73
CA MET B 367 -2.50 13.74 -3.82
C MET B 367 -1.41 12.77 -4.25
N ILE B 368 -1.74 11.48 -4.22
CA ILE B 368 -0.79 10.45 -4.58
C ILE B 368 -1.17 9.73 -5.87
N TYR B 369 -0.25 9.74 -6.85
CA TYR B 369 -0.48 9.04 -8.10
C TYR B 369 0.33 7.74 -8.05
N VAL B 370 -0.35 6.61 -8.13
CA VAL B 370 0.34 5.32 -8.13
C VAL B 370 0.49 4.93 -9.60
N ILE B 371 1.66 5.20 -10.14
CA ILE B 371 1.93 4.94 -11.55
C ILE B 371 3.27 4.25 -11.74
N ALA B 372 3.35 3.41 -12.75
CA ALA B 372 4.58 2.68 -13.06
C ALA B 372 5.76 3.61 -13.33
N SER B 373 6.95 3.15 -12.93
CA SER B 373 8.16 3.94 -13.13
C SER B 373 8.40 4.11 -14.62
N GLN B 374 7.74 3.29 -15.42
CA GLN B 374 7.86 3.39 -16.87
C GLN B 374 7.35 4.77 -17.26
N GLN B 375 6.61 5.40 -16.36
CA GLN B 375 6.06 6.74 -16.59
C GLN B 375 6.68 7.79 -15.66
N ASP B 376 7.90 7.54 -15.18
CA ASP B 376 8.58 8.48 -14.29
C ASP B 376 8.78 9.86 -14.91
N LEU B 377 9.20 9.91 -16.17
CA LEU B 377 9.41 11.19 -16.85
C LEU B 377 8.11 11.94 -16.99
N HIS B 378 7.08 11.25 -17.48
CA HIS B 378 5.76 11.85 -17.65
C HIS B 378 5.34 12.57 -16.36
N ALA B 379 5.32 11.82 -15.27
CA ALA B 379 4.94 12.35 -13.97
C ALA B 379 5.83 13.51 -13.53
N ALA B 380 7.12 13.39 -13.79
CA ALA B 380 8.06 14.44 -13.40
C ALA B 380 7.83 15.72 -14.20
N GLN B 381 7.36 15.56 -15.44
CA GLN B 381 7.10 16.71 -16.29
C GLN B 381 5.82 17.47 -15.92
N PHE B 382 4.71 16.76 -15.74
CA PHE B 382 3.48 17.48 -15.42
C PHE B 382 3.43 17.97 -13.97
N PHE B 383 4.34 17.46 -13.14
CA PHE B 383 4.43 17.91 -11.74
C PHE B 383 5.12 19.27 -11.79
N GLU B 384 6.22 19.32 -12.55
CA GLU B 384 7.01 20.53 -12.70
C GLU B 384 6.19 21.63 -13.36
N ILE B 385 5.45 21.26 -14.40
CA ILE B 385 4.62 22.22 -15.11
C ILE B 385 3.64 22.87 -14.15
N LEU B 386 2.96 22.07 -13.34
CA LEU B 386 2.01 22.60 -12.37
C LEU B 386 2.71 23.54 -11.40
N LYS B 387 3.96 23.22 -11.07
CA LYS B 387 4.72 24.05 -10.15
C LYS B 387 4.97 25.41 -10.79
N GLN B 388 5.53 25.39 -12.00
CA GLN B 388 5.83 26.62 -12.72
C GLN B 388 4.57 27.42 -13.07
N MET B 389 3.41 26.78 -12.97
CA MET B 389 2.16 27.47 -13.27
C MET B 389 1.71 28.35 -12.10
N GLY B 390 2.43 28.25 -10.98
CA GLY B 390 2.11 29.07 -9.83
C GLY B 390 1.29 28.42 -8.72
N PHE B 391 0.80 27.21 -8.97
CA PHE B 391 -0.02 26.51 -7.98
C PHE B 391 0.76 26.17 -6.71
N GLU B 392 0.24 26.61 -5.57
CA GLU B 392 0.87 26.36 -4.28
C GLU B 392 0.76 24.88 -3.90
N TRP B 393 -0.37 24.26 -4.27
CA TRP B 393 -0.61 22.86 -3.97
C TRP B 393 0.21 21.89 -4.80
N ALA B 394 0.90 22.40 -5.82
CA ALA B 394 1.71 21.53 -6.67
C ALA B 394 2.70 20.73 -5.84
N LYS B 395 3.14 21.32 -4.73
CA LYS B 395 4.10 20.67 -3.85
C LYS B 395 3.49 19.52 -3.06
N ASP B 396 2.17 19.43 -3.07
CA ASP B 396 1.49 18.37 -2.33
C ASP B 396 1.21 17.13 -3.17
N LEU B 397 1.73 17.12 -4.39
CA LEU B 397 1.57 15.99 -5.31
C LEU B 397 2.74 15.05 -5.16
N GLN B 398 2.47 13.76 -5.17
CA GLN B 398 3.52 12.76 -5.04
C GLN B 398 3.30 11.59 -6.00
N HIS B 399 4.41 11.12 -6.58
CA HIS B 399 4.37 10.00 -7.51
C HIS B 399 4.95 8.76 -6.83
N VAL B 400 4.11 7.74 -6.64
CA VAL B 400 4.54 6.49 -6.04
C VAL B 400 4.65 5.53 -7.22
N ASN B 401 5.87 5.17 -7.60
CA ASN B 401 6.06 4.29 -8.73
C ASN B 401 6.27 2.85 -8.32
N PHE B 402 6.48 2.00 -9.31
CA PHE B 402 6.71 0.57 -9.09
C PHE B 402 7.32 0.00 -10.35
N GLY B 403 7.99 -1.15 -10.20
CA GLY B 403 8.63 -1.80 -11.33
C GLY B 403 7.68 -2.64 -12.16
N MET B 404 8.19 -3.13 -13.29
CA MET B 404 7.40 -3.93 -14.22
C MET B 404 7.35 -5.42 -13.96
N VAL B 405 6.23 -6.03 -14.36
CA VAL B 405 6.08 -7.47 -14.27
C VAL B 405 6.57 -7.87 -15.66
N GLN B 406 7.73 -8.51 -15.72
CA GLN B 406 8.29 -8.87 -17.01
C GLN B 406 7.97 -10.27 -17.50
N GLY B 407 7.90 -10.41 -18.82
CA GLY B 407 7.56 -11.68 -19.44
C GLY B 407 6.23 -11.54 -20.15
N MET B 408 5.78 -10.30 -20.32
CA MET B 408 4.52 -9.98 -20.97
C MET B 408 4.81 -9.36 -22.34
N SER B 409 4.00 -9.72 -23.34
CA SER B 409 4.17 -9.17 -24.69
C SER B 409 2.95 -9.47 -25.56
N THR B 410 2.33 -8.41 -26.06
CA THR B 410 1.14 -8.54 -26.91
C THR B 410 1.49 -9.08 -28.28
N ARG B 411 2.45 -8.44 -28.96
CA ARG B 411 2.87 -8.87 -30.28
C ARG B 411 3.70 -10.16 -30.23
N LYS B 412 3.50 -10.95 -29.19
CA LYS B 412 4.21 -12.21 -29.01
C LYS B 412 3.29 -13.23 -28.36
N GLY B 413 2.24 -12.74 -27.72
CA GLY B 413 1.28 -13.61 -27.07
C GLY B 413 1.74 -14.26 -25.78
N THR B 414 2.81 -13.72 -25.19
CA THR B 414 3.33 -14.26 -23.94
C THR B 414 2.68 -13.58 -22.73
N VAL B 415 1.57 -12.88 -22.99
CA VAL B 415 0.84 -12.18 -21.95
C VAL B 415 -0.11 -13.09 -21.18
N VAL B 416 -0.13 -12.93 -19.87
CA VAL B 416 -1.00 -13.74 -19.01
C VAL B 416 -2.00 -12.81 -18.33
N PHE B 417 -3.29 -13.09 -18.51
CA PHE B 417 -4.34 -12.25 -17.94
C PHE B 417 -4.61 -12.53 -16.46
N LEU B 418 -4.90 -11.46 -15.73
CA LEU B 418 -5.15 -11.53 -14.30
C LEU B 418 -6.24 -12.52 -13.93
N ASP B 419 -7.37 -12.47 -14.62
CA ASP B 419 -8.47 -13.38 -14.33
C ASP B 419 -8.05 -14.84 -14.46
N ASN B 420 -7.19 -15.14 -15.44
CA ASN B 420 -6.71 -16.49 -15.63
C ASN B 420 -5.74 -16.86 -14.50
N ILE B 421 -4.97 -15.88 -14.04
CA ILE B 421 -4.03 -16.11 -12.94
C ILE B 421 -4.79 -16.42 -11.65
N LEU B 422 -5.79 -15.60 -11.35
CA LEU B 422 -6.60 -15.80 -10.15
C LEU B 422 -7.32 -17.14 -10.17
N GLU B 423 -7.94 -17.46 -11.30
CA GLU B 423 -8.67 -18.70 -11.46
C GLU B 423 -7.74 -19.91 -11.30
N GLU B 424 -6.57 -19.85 -11.93
CA GLU B 424 -5.60 -20.94 -11.86
C GLU B 424 -5.05 -21.14 -10.46
N THR B 425 -4.71 -20.03 -9.79
CA THR B 425 -4.17 -20.10 -8.45
C THR B 425 -5.25 -20.65 -7.51
N LYS B 426 -6.48 -20.22 -7.72
CA LYS B 426 -7.60 -20.68 -6.92
C LYS B 426 -7.73 -22.21 -6.99
N GLU B 427 -7.70 -22.74 -8.22
CA GLU B 427 -7.82 -24.17 -8.44
C GLU B 427 -6.67 -24.94 -7.82
N LYS B 428 -5.48 -24.35 -7.86
CA LYS B 428 -4.30 -25.00 -7.27
C LYS B 428 -4.47 -25.08 -5.76
N MET B 429 -4.88 -23.97 -5.15
CA MET B 429 -5.06 -23.94 -3.71
C MET B 429 -6.21 -24.87 -3.31
N HIS B 430 -7.22 -24.96 -4.17
CA HIS B 430 -8.35 -25.84 -3.89
C HIS B 430 -7.85 -27.28 -3.83
N GLU B 431 -6.93 -27.61 -4.75
CA GLU B 431 -6.33 -28.95 -4.79
C GLU B 431 -5.58 -29.26 -3.50
N VAL B 432 -4.76 -28.32 -3.04
CA VAL B 432 -4.00 -28.51 -1.81
C VAL B 432 -4.96 -28.71 -0.64
N MET B 433 -6.04 -27.96 -0.66
CA MET B 433 -7.08 -28.00 0.37
C MET B 433 -7.68 -29.41 0.52
N LYS B 434 -7.90 -30.08 -0.60
CA LYS B 434 -8.49 -31.42 -0.60
C LYS B 434 -7.63 -32.53 0.01
N LYS B 435 -6.31 -32.36 -0.02
CA LYS B 435 -5.40 -33.37 0.50
C LYS B 435 -5.66 -33.77 1.97
N ASN B 436 -6.12 -32.83 2.79
CA ASN B 436 -6.42 -33.14 4.18
C ASN B 436 -7.93 -33.34 4.30
N GLU B 437 -8.36 -34.58 4.04
CA GLU B 437 -9.77 -34.95 4.09
C GLU B 437 -10.52 -34.49 5.33
N ASN B 438 -9.94 -34.75 6.49
CA ASN B 438 -10.54 -34.37 7.76
C ASN B 438 -10.83 -32.87 7.84
N LYS B 439 -9.82 -32.05 7.57
CA LYS B 439 -9.96 -30.60 7.61
C LYS B 439 -10.87 -30.06 6.51
N TYR B 440 -10.75 -30.62 5.31
CA TYR B 440 -11.56 -30.19 4.18
C TYR B 440 -13.06 -30.26 4.48
N ALA B 441 -13.48 -31.37 5.07
CA ALA B 441 -14.88 -31.60 5.41
C ALA B 441 -15.44 -30.60 6.40
N GLN B 442 -14.59 -29.73 6.94
CA GLN B 442 -15.06 -28.74 7.91
C GLN B 442 -15.25 -27.36 7.31
N ILE B 443 -15.09 -27.24 5.99
CA ILE B 443 -15.24 -25.96 5.32
C ILE B 443 -16.55 -25.88 4.53
N GLU B 444 -17.33 -24.83 4.79
CA GLU B 444 -18.61 -24.65 4.13
C GLU B 444 -18.48 -24.30 2.64
N HIS B 445 -17.61 -23.36 2.33
CA HIS B 445 -17.42 -22.94 0.94
C HIS B 445 -15.97 -23.10 0.49
N PRO B 446 -15.53 -24.35 0.27
CA PRO B 446 -14.17 -24.69 -0.16
C PRO B 446 -13.67 -23.86 -1.33
N GLU B 447 -14.52 -23.73 -2.35
CA GLU B 447 -14.20 -22.99 -3.55
C GLU B 447 -13.89 -21.52 -3.25
N GLU B 448 -14.73 -20.91 -2.42
CA GLU B 448 -14.56 -19.52 -2.04
C GLU B 448 -13.32 -19.30 -1.17
N VAL B 449 -13.08 -20.23 -0.25
CA VAL B 449 -11.91 -20.13 0.62
C VAL B 449 -10.66 -20.24 -0.24
N ALA B 450 -10.71 -21.13 -1.23
CA ALA B 450 -9.59 -21.35 -2.12
C ALA B 450 -9.23 -20.08 -2.89
N ASP B 451 -10.25 -19.29 -3.25
CA ASP B 451 -10.00 -18.07 -3.98
C ASP B 451 -9.32 -17.03 -3.09
N LEU B 452 -9.71 -16.99 -1.82
CA LEU B 452 -9.12 -16.04 -0.89
C LEU B 452 -7.66 -16.40 -0.62
N VAL B 453 -7.37 -17.69 -0.57
CA VAL B 453 -6.00 -18.15 -0.33
C VAL B 453 -5.18 -17.91 -1.59
N GLY B 454 -5.79 -18.14 -2.76
CA GLY B 454 -5.08 -17.91 -4.00
C GLY B 454 -4.71 -16.44 -4.19
N ILE B 455 -5.65 -15.55 -3.91
CA ILE B 455 -5.41 -14.11 -4.06
C ILE B 455 -4.32 -13.64 -3.09
N SER B 456 -4.29 -14.22 -1.89
CA SER B 456 -3.27 -13.83 -0.91
C SER B 456 -1.90 -14.24 -1.45
N ALA B 457 -1.86 -15.33 -2.21
CA ALA B 457 -0.60 -15.80 -2.79
C ALA B 457 -0.12 -14.84 -3.87
N VAL B 458 -1.05 -14.39 -4.69
CA VAL B 458 -0.77 -13.47 -5.80
C VAL B 458 -0.36 -12.09 -5.31
N MET B 459 -1.03 -11.59 -4.27
CA MET B 459 -0.72 -10.27 -3.74
C MET B 459 0.59 -10.27 -2.96
N ILE B 460 0.80 -11.27 -2.13
CA ILE B 460 2.03 -11.32 -1.33
C ILE B 460 3.29 -11.48 -2.16
N GLN B 461 3.26 -12.31 -3.20
CA GLN B 461 4.44 -12.50 -4.03
C GLN B 461 4.82 -11.16 -4.67
N ASP B 462 3.83 -10.32 -4.91
CA ASP B 462 4.05 -9.00 -5.51
C ASP B 462 4.53 -7.94 -4.50
N MET B 463 4.05 -8.04 -3.27
CA MET B 463 4.40 -7.07 -2.24
C MET B 463 5.61 -7.39 -1.38
N GLN B 464 6.23 -8.54 -1.59
CA GLN B 464 7.37 -8.94 -0.78
C GLN B 464 8.63 -8.10 -0.89
N GLY B 465 8.88 -7.56 -2.08
CA GLY B 465 10.06 -6.72 -2.24
C GLY B 465 9.63 -5.28 -2.42
N LYS B 466 10.57 -4.35 -2.45
CA LYS B 466 10.19 -2.97 -2.65
C LYS B 466 9.50 -2.80 -4.01
N ARG B 467 8.59 -1.83 -4.05
CA ARG B 467 7.81 -1.49 -5.24
C ARG B 467 8.67 -1.31 -6.51
N ILE B 468 9.75 -0.57 -6.36
CA ILE B 468 10.65 -0.27 -7.48
C ILE B 468 11.18 -1.48 -8.25
N ASN B 469 11.24 -2.64 -7.61
CA ASN B 469 11.78 -3.83 -8.27
C ASN B 469 10.92 -4.38 -9.40
N ASN B 470 11.58 -4.82 -10.47
CA ASN B 470 10.87 -5.45 -11.57
C ASN B 470 10.89 -6.92 -11.17
N TYR B 471 9.96 -7.70 -11.70
CA TYR B 471 9.97 -9.13 -11.43
C TYR B 471 9.33 -9.85 -12.60
N GLU B 472 9.92 -10.97 -12.99
CA GLU B 472 9.42 -11.72 -14.12
C GLU B 472 8.25 -12.61 -13.72
N PHE B 473 7.24 -12.67 -14.58
CA PHE B 473 6.08 -13.50 -14.28
C PHE B 473 6.51 -14.96 -14.30
N LYS B 474 6.09 -15.69 -13.27
CA LYS B 474 6.40 -17.10 -13.15
C LYS B 474 5.27 -17.75 -12.38
N TRP B 475 4.64 -18.74 -13.00
CA TRP B 475 3.53 -19.42 -12.34
C TRP B 475 3.89 -19.93 -10.96
N GLU B 476 5.14 -20.31 -10.78
CA GLU B 476 5.59 -20.82 -9.49
C GLU B 476 5.49 -19.75 -8.38
N ARG B 477 5.61 -18.48 -8.76
CA ARG B 477 5.51 -17.40 -7.78
C ARG B 477 4.09 -17.37 -7.21
N MET B 478 3.11 -17.59 -8.07
CA MET B 478 1.71 -17.57 -7.67
C MET B 478 1.25 -18.88 -7.02
N LEU B 479 1.76 -20.00 -7.50
CA LEU B 479 1.33 -21.31 -6.99
C LEU B 479 2.02 -21.87 -5.76
N SER B 480 3.18 -21.33 -5.40
CA SER B 480 3.90 -21.82 -4.23
C SER B 480 3.10 -21.55 -2.97
N PHE B 481 3.14 -22.49 -2.02
CA PHE B 481 2.42 -22.31 -0.77
C PHE B 481 3.31 -22.58 0.44
N GLU B 482 4.49 -23.14 0.20
CA GLU B 482 5.41 -23.41 1.31
C GLU B 482 6.41 -22.26 1.39
N GLY B 483 6.87 -21.94 2.60
CA GLY B 483 7.81 -20.85 2.76
C GLY B 483 7.10 -19.53 3.02
N ASP B 484 7.79 -18.41 2.77
CA ASP B 484 7.23 -17.07 2.97
C ASP B 484 6.29 -16.70 1.83
N THR B 485 5.05 -17.13 1.94
CA THR B 485 4.04 -16.88 0.92
C THR B 485 2.74 -16.45 1.55
N GLY B 486 1.80 -16.02 0.72
CA GLY B 486 0.51 -15.63 1.25
C GLY B 486 -0.14 -16.78 2.00
N PRO B 487 -0.18 -17.99 1.40
CA PRO B 487 -0.79 -19.13 2.09
C PRO B 487 -0.21 -19.37 3.47
N TYR B 488 1.07 -19.07 3.65
CA TYR B 488 1.73 -19.24 4.94
C TYR B 488 1.06 -18.31 5.98
N LEU B 489 0.73 -17.11 5.55
CA LEU B 489 0.07 -16.15 6.45
C LEU B 489 -1.36 -16.60 6.75
N GLN B 490 -2.03 -17.16 5.75
CA GLN B 490 -3.39 -17.65 5.91
C GLN B 490 -3.44 -18.86 6.86
N TYR B 491 -2.45 -19.75 6.72
CA TYR B 491 -2.38 -20.95 7.55
C TYR B 491 -2.14 -20.56 9.00
N ALA B 492 -1.27 -19.58 9.21
CA ALA B 492 -1.00 -19.13 10.58
C ALA B 492 -2.29 -18.59 11.19
N HIS B 493 -3.01 -17.78 10.43
CA HIS B 493 -4.25 -17.21 10.91
C HIS B 493 -5.28 -18.31 11.21
N SER B 494 -5.40 -19.28 10.31
CA SER B 494 -6.33 -20.38 10.49
C SER B 494 -6.03 -21.23 11.70
N ARG B 495 -4.77 -21.60 11.91
CA ARG B 495 -4.54 -22.43 13.08
C ARG B 495 -4.62 -21.68 14.39
N LEU B 496 -4.45 -20.37 14.35
CA LEU B 496 -4.58 -19.60 15.57
C LEU B 496 -6.08 -19.56 15.88
N ARG B 497 -6.90 -19.45 14.84
CA ARG B 497 -8.36 -19.46 15.04
C ARG B 497 -8.74 -20.84 15.58
N SER B 498 -8.14 -21.88 15.00
CA SER B 498 -8.43 -23.24 15.41
C SER B 498 -8.06 -23.47 16.88
N VAL B 499 -6.95 -22.86 17.32
CA VAL B 499 -6.54 -23.01 18.71
C VAL B 499 -7.59 -22.35 19.61
N GLU B 500 -8.08 -21.19 19.18
CA GLU B 500 -9.10 -20.46 19.94
C GLU B 500 -10.36 -21.30 20.07
N ARG B 501 -10.83 -21.84 18.95
CA ARG B 501 -12.04 -22.67 18.94
C ARG B 501 -11.92 -23.90 19.82
N ASN B 502 -10.76 -24.54 19.81
CA ASN B 502 -10.54 -25.74 20.60
C ASN B 502 -10.65 -25.44 22.10
N ALA B 503 -10.44 -24.18 22.47
CA ALA B 503 -10.54 -23.78 23.86
C ALA B 503 -11.61 -22.70 24.03
N SER B 504 -12.69 -22.84 23.27
CA SER B 504 -13.79 -21.89 23.33
C SER B 504 -14.38 -21.78 24.73
N GLY B 505 -14.00 -22.71 25.61
CA GLY B 505 -14.49 -22.68 26.98
C GLY B 505 -13.91 -21.50 27.76
N ILE B 506 -12.93 -20.83 27.16
CA ILE B 506 -12.29 -19.68 27.79
C ILE B 506 -12.48 -18.49 26.87
N THR B 507 -13.50 -17.69 27.15
CA THR B 507 -13.84 -16.52 26.35
C THR B 507 -12.80 -15.40 26.36
N GLN B 508 -12.85 -14.55 25.34
CA GLN B 508 -11.93 -13.44 25.17
C GLN B 508 -11.96 -12.45 26.32
N GLU B 509 -13.05 -12.45 27.07
CA GLU B 509 -13.19 -11.55 28.21
C GLU B 509 -12.18 -11.89 29.30
N LYS B 510 -11.92 -13.18 29.46
CA LYS B 510 -10.99 -13.66 30.47
C LYS B 510 -9.54 -13.40 30.07
N TRP B 511 -9.29 -13.36 28.76
CA TRP B 511 -7.95 -13.14 28.24
C TRP B 511 -7.35 -11.82 28.73
N ILE B 512 -8.14 -10.75 28.61
CA ILE B 512 -7.69 -9.42 29.01
C ILE B 512 -7.29 -9.35 30.48
N ASN B 513 -7.87 -10.23 31.30
CA ASN B 513 -7.57 -10.26 32.72
C ASN B 513 -6.68 -11.43 33.12
N ALA B 514 -5.99 -12.01 32.14
CA ALA B 514 -5.11 -13.14 32.39
C ALA B 514 -3.93 -12.75 33.28
N ASP B 515 -3.24 -13.75 33.82
CA ASP B 515 -2.07 -13.52 34.65
C ASP B 515 -0.89 -13.52 33.67
N PHE B 516 -0.54 -12.34 33.17
CA PHE B 516 0.55 -12.21 32.21
C PHE B 516 1.94 -12.56 32.72
N SER B 517 2.07 -12.81 34.03
CA SER B 517 3.39 -13.18 34.56
C SER B 517 3.66 -14.64 34.19
N LEU B 518 2.71 -15.28 33.52
CA LEU B 518 2.86 -16.67 33.10
C LEU B 518 3.36 -16.81 31.66
N LEU B 519 3.96 -15.74 31.13
CA LEU B 519 4.48 -15.75 29.76
C LEU B 519 5.97 -15.45 29.78
N LYS B 520 6.72 -16.17 30.60
CA LYS B 520 8.15 -15.94 30.72
C LYS B 520 9.09 -16.80 29.89
N GLU B 521 8.57 -17.79 29.19
CA GLU B 521 9.44 -18.62 28.35
C GLU B 521 10.02 -17.74 27.25
N PRO B 522 11.27 -18.02 26.82
CA PRO B 522 11.94 -17.25 25.77
C PRO B 522 11.11 -17.02 24.51
N ALA B 523 10.43 -18.06 24.04
CA ALA B 523 9.63 -17.93 22.83
C ALA B 523 8.46 -16.97 23.03
N ALA B 524 7.89 -16.96 24.23
CA ALA B 524 6.77 -16.08 24.53
C ALA B 524 7.23 -14.62 24.57
N LYS B 525 8.36 -14.37 25.21
CA LYS B 525 8.91 -13.02 25.32
C LYS B 525 9.18 -12.41 23.94
N LEU B 526 9.73 -13.22 23.03
CA LEU B 526 10.02 -12.76 21.67
C LEU B 526 8.71 -12.35 20.98
N LEU B 527 7.69 -13.17 21.10
CA LEU B 527 6.41 -12.87 20.47
C LEU B 527 5.81 -11.57 21.03
N ILE B 528 5.93 -11.39 22.34
CA ILE B 528 5.41 -10.20 22.99
C ILE B 528 6.08 -8.94 22.45
N ARG B 529 7.41 -8.96 22.37
CA ARG B 529 8.15 -7.82 21.87
C ARG B 529 7.68 -7.52 20.45
N LEU B 530 7.48 -8.56 19.66
CA LEU B 530 7.02 -8.39 18.28
C LEU B 530 5.67 -7.70 18.23
N LEU B 531 4.76 -8.07 19.12
CA LEU B 531 3.43 -7.47 19.15
C LEU B 531 3.47 -5.96 19.36
N GLY B 532 4.40 -5.50 20.18
CA GLY B 532 4.48 -4.07 20.47
C GLY B 532 5.03 -3.23 19.34
N GLN B 533 5.55 -3.87 18.29
CA GLN B 533 6.14 -3.14 17.17
C GLN B 533 5.17 -2.74 16.06
N TYR B 534 3.99 -3.34 16.02
CA TYR B 534 3.04 -3.03 14.95
C TYR B 534 2.80 -1.54 14.71
N PRO B 535 2.58 -0.75 15.78
CA PRO B 535 2.35 0.69 15.58
C PRO B 535 3.52 1.39 14.87
N ASP B 536 4.75 1.00 15.22
CA ASP B 536 5.96 1.56 14.61
C ASP B 536 6.00 1.19 13.13
N VAL B 537 5.64 -0.06 12.84
CA VAL B 537 5.62 -0.55 11.48
C VAL B 537 4.66 0.29 10.61
N LEU B 538 3.46 0.56 11.11
CA LEU B 538 2.51 1.35 10.32
C LEU B 538 3.04 2.76 10.07
N ARG B 539 3.62 3.35 11.10
CA ARG B 539 4.18 4.69 11.01
C ARG B 539 5.31 4.69 9.99
N ASN B 540 6.14 3.65 10.00
CA ASN B 540 7.25 3.58 9.07
C ASN B 540 6.73 3.28 7.67
N ALA B 541 5.63 2.54 7.59
CA ALA B 541 5.05 2.19 6.30
C ALA B 541 4.47 3.39 5.56
N ILE B 542 4.00 4.40 6.30
CA ILE B 542 3.41 5.54 5.63
C ILE B 542 4.52 6.48 5.15
N LYS B 543 5.71 6.25 5.68
CA LYS B 543 6.90 7.02 5.33
C LYS B 543 7.54 6.42 4.07
N THR B 544 7.66 5.09 4.04
CA THR B 544 8.27 4.40 2.90
C THR B 544 7.25 4.17 1.78
N HIS B 545 5.98 4.08 2.16
CA HIS B 545 4.92 3.80 1.19
C HIS B 545 5.13 2.43 0.58
N GLU B 546 5.77 1.54 1.34
CA GLU B 546 6.07 0.19 0.87
C GLU B 546 5.26 -0.91 1.53
N PRO B 547 4.56 -1.72 0.73
CA PRO B 547 3.79 -2.82 1.31
C PRO B 547 4.75 -3.77 2.04
N THR B 548 5.96 -3.92 1.49
CA THR B 548 6.95 -4.82 2.08
C THR B 548 7.29 -4.48 3.53
N THR B 549 7.18 -3.21 3.88
CA THR B 549 7.44 -2.77 5.25
C THR B 549 6.48 -3.53 6.17
N VAL B 550 5.23 -3.67 5.74
CA VAL B 550 4.25 -4.38 6.53
C VAL B 550 4.40 -5.89 6.33
N VAL B 551 4.62 -6.32 5.08
CA VAL B 551 4.76 -7.74 4.78
C VAL B 551 5.92 -8.37 5.54
N THR B 552 7.05 -7.69 5.55
CA THR B 552 8.23 -8.19 6.24
C THR B 552 7.92 -8.43 7.70
N TYR B 553 7.20 -7.50 8.32
CA TYR B 553 6.84 -7.64 9.73
C TYR B 553 5.89 -8.82 9.95
N LEU B 554 4.91 -8.97 9.07
CA LEU B 554 3.95 -10.06 9.19
C LEU B 554 4.65 -11.43 9.15
N PHE B 555 5.75 -11.53 8.41
CA PHE B 555 6.46 -12.81 8.38
C PHE B 555 7.29 -12.98 9.65
N LYS B 556 7.82 -11.89 10.20
CA LYS B 556 8.58 -12.01 11.44
C LYS B 556 7.59 -12.45 12.52
N LEU B 557 6.41 -11.84 12.50
CA LEU B 557 5.36 -12.16 13.47
C LEU B 557 4.93 -13.61 13.40
N THR B 558 4.53 -14.05 12.21
CA THR B 558 4.07 -15.41 12.01
C THR B 558 5.15 -16.47 12.22
N HIS B 559 6.41 -16.15 11.93
CA HIS B 559 7.49 -17.10 12.15
C HIS B 559 7.57 -17.41 13.63
N GLN B 560 7.50 -16.36 14.45
CA GLN B 560 7.58 -16.51 15.90
C GLN B 560 6.34 -17.20 16.46
N VAL B 561 5.17 -16.89 15.93
CA VAL B 561 3.94 -17.55 16.37
C VAL B 561 4.09 -19.06 16.10
N SER B 562 4.58 -19.39 14.92
CA SER B 562 4.77 -20.79 14.53
C SER B 562 5.80 -21.48 15.41
N SER B 563 6.85 -20.75 15.79
CA SER B 563 7.86 -21.32 16.68
C SER B 563 7.17 -21.60 18.01
N CYS B 564 6.42 -20.62 18.50
CA CYS B 564 5.70 -20.75 19.77
C CYS B 564 4.71 -21.91 19.73
N TYR B 565 4.00 -22.03 18.61
CA TYR B 565 2.98 -23.06 18.42
C TYR B 565 3.50 -24.46 18.77
N ASP B 566 4.78 -24.67 18.53
CA ASP B 566 5.40 -25.96 18.77
C ASP B 566 5.77 -26.24 20.23
N VAL B 567 5.94 -25.19 21.04
CA VAL B 567 6.33 -25.39 22.42
C VAL B 567 5.36 -24.83 23.47
N LEU B 568 4.55 -23.85 23.12
CA LEU B 568 3.61 -23.27 24.07
C LEU B 568 2.18 -23.71 23.78
N TRP B 569 1.74 -24.76 24.45
CA TRP B 569 0.40 -25.30 24.25
C TRP B 569 -0.67 -24.62 25.09
N VAL B 570 -1.86 -24.46 24.50
CA VAL B 570 -3.00 -23.86 25.19
C VAL B 570 -3.81 -24.97 25.87
N ALA B 571 -4.04 -26.05 25.13
CA ALA B 571 -4.81 -27.19 25.63
C ALA B 571 -4.03 -28.04 26.61
N GLY B 572 -4.76 -28.67 27.53
CA GLY B 572 -4.16 -29.53 28.52
C GLY B 572 -3.32 -28.84 29.57
N GLN B 573 -3.64 -27.59 29.87
CA GLN B 573 -2.89 -26.83 30.87
C GLN B 573 -3.80 -26.42 32.02
N THR B 574 -3.26 -25.69 32.99
CA THR B 574 -4.08 -25.20 34.07
C THR B 574 -4.91 -24.10 33.45
N GLU B 575 -6.04 -23.76 34.06
CA GLU B 575 -6.90 -22.73 33.51
C GLU B 575 -6.17 -21.38 33.38
N GLU B 576 -5.34 -21.05 34.37
CA GLU B 576 -4.64 -19.78 34.35
C GLU B 576 -3.56 -19.70 33.27
N LEU B 577 -2.85 -20.80 33.02
CA LEU B 577 -1.81 -20.79 31.99
C LEU B 577 -2.41 -20.81 30.59
N ALA B 578 -3.53 -21.50 30.44
CA ALA B 578 -4.22 -21.60 29.16
C ALA B 578 -4.82 -20.23 28.80
N THR B 579 -5.30 -19.52 29.81
CA THR B 579 -5.90 -18.20 29.59
C THR B 579 -4.84 -17.20 29.17
N ALA B 580 -3.67 -17.27 29.80
CA ALA B 580 -2.57 -16.37 29.48
C ALA B 580 -2.03 -16.62 28.08
N ARG B 581 -1.89 -17.88 27.70
CA ARG B 581 -1.36 -18.21 26.39
C ARG B 581 -2.39 -17.91 25.32
N LEU B 582 -3.67 -18.08 25.66
CA LEU B 582 -4.74 -17.77 24.73
C LEU B 582 -4.71 -16.27 24.47
N ALA B 583 -4.43 -15.50 25.52
CA ALA B 583 -4.37 -14.06 25.40
C ALA B 583 -3.23 -13.67 24.45
N LEU B 584 -2.07 -14.31 24.62
CA LEU B 584 -0.92 -14.02 23.77
C LEU B 584 -1.19 -14.41 22.31
N TYR B 585 -1.66 -15.63 22.07
CA TYR B 585 -1.95 -16.08 20.73
C TYR B 585 -3.09 -15.28 20.11
N GLY B 586 -4.08 -14.94 20.93
CA GLY B 586 -5.21 -14.16 20.45
C GLY B 586 -4.77 -12.77 20.01
N ALA B 587 -3.84 -12.17 20.74
CA ALA B 587 -3.34 -10.84 20.39
C ALA B 587 -2.54 -10.94 19.10
N ALA B 588 -1.72 -11.97 18.98
CA ALA B 588 -0.93 -12.19 17.78
C ALA B 588 -1.85 -12.35 16.58
N ARG B 589 -2.94 -13.11 16.74
CA ARG B 589 -3.86 -13.31 15.62
C ARG B 589 -4.50 -11.98 15.19
N GLN B 590 -4.89 -11.17 16.18
CA GLN B 590 -5.52 -9.88 15.88
C GLN B 590 -4.58 -8.98 15.07
N VAL B 591 -3.31 -8.95 15.44
CA VAL B 591 -2.33 -8.12 14.74
C VAL B 591 -2.12 -8.63 13.32
N LEU B 592 -2.02 -9.95 13.17
CA LEU B 592 -1.87 -10.57 11.84
C LEU B 592 -3.10 -10.19 11.01
N TYR B 593 -4.28 -10.35 11.61
CA TYR B 593 -5.53 -10.01 10.94
C TYR B 593 -5.47 -8.56 10.47
N ASN B 594 -5.15 -7.65 11.38
CA ASN B 594 -5.06 -6.23 11.07
C ASN B 594 -4.14 -5.97 9.87
N GLY B 595 -2.93 -6.52 9.93
CA GLY B 595 -1.97 -6.32 8.86
C GLY B 595 -2.40 -6.92 7.55
N MET B 596 -2.99 -8.11 7.59
CA MET B 596 -3.45 -8.76 6.37
C MET B 596 -4.54 -7.91 5.72
N ARG B 597 -5.48 -7.44 6.53
CA ARG B 597 -6.57 -6.60 6.03
C ARG B 597 -6.02 -5.30 5.47
N LEU B 598 -5.01 -4.76 6.12
CA LEU B 598 -4.40 -3.51 5.65
C LEU B 598 -3.83 -3.69 4.25
N LEU B 599 -3.20 -4.83 4.01
CA LEU B 599 -2.61 -5.12 2.70
C LEU B 599 -3.64 -5.39 1.63
N GLY B 600 -4.87 -5.69 2.05
CA GLY B 600 -5.94 -5.96 1.10
C GLY B 600 -6.35 -7.42 1.01
N LEU B 601 -5.81 -8.26 1.90
CA LEU B 601 -6.14 -9.68 1.88
C LEU B 601 -7.36 -9.96 2.74
N THR B 602 -7.92 -11.15 2.59
CA THR B 602 -9.07 -11.56 3.38
C THR B 602 -8.66 -12.77 4.22
N PRO B 603 -8.40 -12.57 5.50
CA PRO B 603 -7.99 -13.67 6.40
C PRO B 603 -9.06 -14.77 6.48
N VAL B 604 -8.66 -16.01 6.30
CA VAL B 604 -9.63 -17.11 6.38
C VAL B 604 -9.60 -17.77 7.75
N GLU B 605 -10.72 -18.37 8.15
CA GLU B 605 -10.85 -19.03 9.45
C GLU B 605 -10.45 -20.49 9.37
N ARG B 606 -10.68 -21.10 8.21
CA ARG B 606 -10.36 -22.51 7.98
C ARG B 606 -9.87 -22.63 6.56
N MET B 607 -8.99 -23.59 6.30
CA MET B 607 -8.46 -23.79 4.96
C MET B 607 -7.96 -25.22 4.77
#